data_2XUZ
#
_entry.id   2XUZ
#
_cell.length_a   36.440
_cell.length_b   63.560
_cell.length_c   56.520
_cell.angle_alpha   90.00
_cell.angle_beta   100.65
_cell.angle_gamma   90.00
#
_symmetry.space_group_name_H-M   'P 1 21 1'
#
loop_
_entity.id
_entity.type
_entity.pdbx_description
1 polymer 'IRON-UPTAKE SYSTEM-BINDING PROTEIN'
2 non-polymer "N,N',N''-[(3S,7S,11S)-2,6,10-trioxo-1,5,9-trioxacyclododecane-3,7,11-triyl]tris(2,3-dihydroxybenzamide)"
3 non-polymer 'FE (III) ION'
4 non-polymer 'TETRAETHYLENE GLYCOL'
5 non-polymer DI(HYDROXYETHYL)ETHER
6 non-polymer 'PHOSPHATE ION'
7 water water
#
_entity_poly.entity_id   1
_entity_poly.type   'polypeptide(L)'
_entity_poly.pdbx_seq_one_letter_code
;MGSKNESTASKASGTASEKKKIEYLDKTYEVTVPTDKIAITGSVESMEDAKLLDVHPQGAISFSGKFPDMFKDITDKAEP
TGEKMEPNIEKILEMKPDVILASTKFPEKTLQKISTAGTTIPVSHISSNWKENMMLLAQLTGKEKKAKKIIADYEQDLKE
TKTKINDKAKDSKALVIRIRQGNIYIYPEQVYFNSTLYGDLGLKAPNEVKAAKAQELISLEKLSEMNPDHIFVQFSDDEN
ADKPDALKDLEKNPIWKSLKAVKEDHVYVNSVDPLAQGGTAWSKVRFLKAAAEKLTQNKLAAALEHHHHHH
;
_entity_poly.pdbx_strand_id   A
#
loop_
_chem_comp.id
_chem_comp.type
_chem_comp.name
_chem_comp.formula
EB4 non-polymer N,N',N''-[(3S,7S,11S)-2,6,10-trioxo-1,5,9-trioxacyclododecane-3,7,11-triyl]tris(2,3-dihydroxybenzamide) 'C30 H27 N3 O15'
FE non-polymer 'FE (III) ION' 'Fe 3'
PEG non-polymer DI(HYDROXYETHYL)ETHER 'C4 H10 O3'
PG4 non-polymer 'TETRAETHYLENE GLYCOL' 'C8 H18 O5'
PO4 non-polymer 'PHOSPHATE ION' 'O4 P -3'
#
# COMPACT_ATOMS: atom_id res chain seq x y z
N LYS A 19 -11.30 26.55 11.42
CA LYS A 19 -9.91 26.02 11.34
C LYS A 19 -9.57 25.29 12.64
N LYS A 20 -9.11 24.04 12.51
CA LYS A 20 -8.84 23.17 13.67
C LYS A 20 -7.40 22.66 13.68
N LYS A 21 -6.90 22.37 14.89
CA LYS A 21 -5.54 21.89 15.09
C LYS A 21 -5.60 20.38 15.10
N ILE A 22 -5.03 19.74 14.08
CA ILE A 22 -5.10 18.28 13.94
C ILE A 22 -3.76 17.65 14.30
N GLU A 23 -3.80 16.65 15.16
CA GLU A 23 -2.60 15.90 15.52
C GLU A 23 -2.50 14.65 14.66
N TYR A 24 -1.33 14.42 14.07
CA TYR A 24 -1.08 13.23 13.27
C TYR A 24 0.35 12.77 13.53
N LEU A 25 0.52 11.61 14.16
CA LEU A 25 1.84 11.04 14.46
C LEU A 25 2.74 12.04 15.21
N ASP A 26 2.22 12.56 16.31
CA ASP A 26 2.96 13.48 17.20
C ASP A 26 3.36 14.84 16.59
N LYS A 27 2.80 15.19 15.44
CA LYS A 27 2.95 16.54 14.88
C LYS A 27 1.57 17.13 14.67
N THR A 28 1.41 18.41 15.02
CA THR A 28 0.13 19.08 14.83
C THR A 28 0.17 19.93 13.57
N TYR A 29 -0.96 20.00 12.88
CA TYR A 29 -1.13 20.80 11.69
C TYR A 29 -2.42 21.62 11.84
N GLU A 30 -2.43 22.84 11.30
CA GLU A 30 -3.62 23.71 11.37
C GLU A 30 -4.28 23.75 10.00
N VAL A 31 -5.51 23.26 9.92
CA VAL A 31 -6.22 23.10 8.66
C VAL A 31 -7.69 23.47 8.81
N THR A 32 -8.27 24.11 7.80
CA THR A 32 -9.70 24.33 7.76
C THR A 32 -10.41 22.97 7.65
N VAL A 33 -11.31 22.70 8.58
CA VAL A 33 -12.01 21.41 8.67
C VAL A 33 -13.52 21.60 8.86
N PRO A 34 -14.36 20.86 8.11
CA PRO A 34 -14.00 19.91 7.06
C PRO A 34 -13.64 20.67 5.79
N THR A 35 -12.89 20.04 4.89
CA THR A 35 -12.54 20.67 3.63
C THR A 35 -12.70 19.72 2.46
N ASP A 36 -13.08 20.30 1.33
CA ASP A 36 -13.15 19.60 0.05
C ASP A 36 -11.81 19.77 -0.71
N LYS A 37 -10.96 20.71 -0.27
CA LYS A 37 -9.79 21.12 -1.04
C LYS A 37 -8.53 20.37 -0.63
N ILE A 38 -8.54 19.07 -0.88
CA ILE A 38 -7.46 18.19 -0.52
C ILE A 38 -6.71 17.75 -1.77
N ALA A 39 -5.39 17.83 -1.72
CA ALA A 39 -4.54 17.39 -2.82
C ALA A 39 -3.67 16.27 -2.32
N ILE A 40 -3.73 15.14 -3.00
CA ILE A 40 -2.98 13.95 -2.64
C ILE A 40 -1.84 13.80 -3.66
N THR A 41 -0.62 13.67 -3.14
CA THR A 41 0.55 13.48 -4.00
C THR A 41 1.46 12.51 -3.27
N GLY A 42 1.97 11.52 -4.00
CA GLY A 42 2.80 10.48 -3.40
C GLY A 42 2.07 9.46 -2.54
N SER A 43 1.14 9.90 -1.69
CA SER A 43 0.40 8.98 -0.82
C SER A 43 -0.72 8.21 -1.54
N VAL A 44 -0.35 7.12 -2.19
CA VAL A 44 -1.35 6.21 -2.72
C VAL A 44 -2.14 5.64 -1.53
N GLU A 45 -1.53 5.55 -0.34
CA GLU A 45 -2.26 5.13 0.87
C GLU A 45 -3.53 5.98 1.02
N SER A 46 -3.37 7.30 0.89
CA SER A 46 -4.51 8.20 1.09
C SER A 46 -5.57 8.14 -0.02
N MET A 47 -5.17 7.76 -1.25
N MET A 47 -5.18 7.75 -1.24
CA MET A 47 -6.13 7.46 -2.31
CA MET A 47 -6.15 7.47 -2.29
C MET A 47 -7.01 6.28 -1.91
C MET A 47 -7.01 6.28 -1.92
N GLU A 48 -6.39 5.26 -1.32
CA GLU A 48 -7.13 4.07 -0.84
C GLU A 48 -8.05 4.37 0.36
N ASP A 49 -7.60 5.22 1.25
CA ASP A 49 -8.46 5.67 2.35
C ASP A 49 -9.62 6.54 1.79
N ALA A 50 -9.32 7.36 0.78
CA ALA A 50 -10.32 8.21 0.17
C ALA A 50 -11.39 7.36 -0.52
N LYS A 51 -10.96 6.24 -1.11
CA LYS A 51 -11.86 5.31 -1.79
C LYS A 51 -12.93 4.79 -0.84
N LEU A 52 -12.52 4.33 0.34
CA LEU A 52 -13.46 3.76 1.31
C LEU A 52 -14.24 4.82 2.10
N LEU A 53 -13.71 6.03 2.20
CA LEU A 53 -14.42 7.12 2.91
C LEU A 53 -15.27 7.95 1.94
N ASP A 54 -15.18 7.62 0.65
CA ASP A 54 -15.88 8.34 -0.40
C ASP A 54 -15.51 9.81 -0.38
N VAL A 55 -14.21 10.08 -0.31
CA VAL A 55 -13.70 11.43 -0.37
C VAL A 55 -13.26 11.71 -1.83
N HIS A 56 -13.70 12.81 -2.40
CA HIS A 56 -13.38 13.15 -3.80
C HIS A 56 -12.37 14.30 -3.82
N PRO A 57 -11.07 13.97 -3.89
CA PRO A 57 -10.08 15.03 -3.71
C PRO A 57 -9.99 15.97 -4.89
N GLN A 58 -9.53 17.17 -4.58
CA GLN A 58 -9.28 18.18 -5.57
C GLN A 58 -8.11 17.74 -6.45
N GLY A 59 -7.11 17.12 -5.83
CA GLY A 59 -5.96 16.62 -6.58
C GLY A 59 -5.71 15.17 -6.28
N ALA A 60 -5.43 14.38 -7.31
CA ALA A 60 -5.14 12.97 -7.12
C ALA A 60 -3.92 12.54 -7.92
N ILE A 61 -3.35 11.41 -7.53
CA ILE A 61 -2.17 10.84 -8.19
C ILE A 61 -2.59 10.15 -9.50
N SER A 62 -1.92 10.49 -10.60
CA SER A 62 -2.09 9.77 -11.85
C SER A 62 -1.12 8.59 -11.90
N PHE A 63 -1.54 7.53 -12.59
CA PHE A 63 -0.70 6.37 -12.89
C PHE A 63 -0.58 6.20 -14.39
N SER A 64 0.63 6.32 -14.91
CA SER A 64 0.85 6.35 -16.36
C SER A 64 -0.12 7.33 -17.03
N GLY A 65 -0.33 8.48 -16.38
CA GLY A 65 -1.15 9.57 -16.93
C GLY A 65 -2.65 9.51 -16.74
N LYS A 66 -3.16 8.44 -16.14
CA LYS A 66 -4.60 8.29 -15.94
C LYS A 66 -4.91 7.93 -14.50
N PHE A 67 -6.22 7.90 -14.19
CA PHE A 67 -6.72 7.45 -12.91
C PHE A 67 -7.26 6.04 -13.12
N PRO A 68 -6.71 5.06 -12.40
CA PRO A 68 -7.22 3.69 -12.53
C PRO A 68 -8.74 3.56 -12.36
N ASP A 69 -9.34 2.59 -13.07
CA ASP A 69 -10.79 2.35 -13.03
C ASP A 69 -11.29 2.17 -11.59
N MET A 70 -10.47 1.55 -10.75
CA MET A 70 -10.86 1.34 -9.35
C MET A 70 -10.95 2.62 -8.51
N PHE A 71 -10.44 3.74 -9.03
CA PHE A 71 -10.53 5.05 -8.36
C PHE A 71 -11.49 6.01 -9.04
N LYS A 72 -12.14 5.59 -10.13
CA LYS A 72 -12.88 6.54 -10.96
C LYS A 72 -14.03 7.19 -10.23
N ASP A 73 -14.63 6.48 -9.28
CA ASP A 73 -15.73 7.05 -8.52
C ASP A 73 -15.30 8.25 -7.66
N ILE A 74 -14.03 8.34 -7.26
CA ILE A 74 -13.59 9.44 -6.39
C ILE A 74 -12.70 10.50 -7.06
N THR A 75 -12.37 10.32 -8.33
CA THR A 75 -11.51 11.27 -9.03
C THR A 75 -12.28 12.11 -10.05
N ASP A 76 -13.60 12.18 -9.89
CA ASP A 76 -14.44 12.92 -10.82
C ASP A 76 -14.26 14.43 -10.73
N LYS A 77 -13.84 14.92 -9.57
CA LYS A 77 -13.52 16.35 -9.40
C LYS A 77 -12.01 16.62 -9.32
N ALA A 78 -11.18 15.60 -9.52
CA ALA A 78 -9.73 15.71 -9.31
C ALA A 78 -8.96 16.16 -10.55
N GLU A 79 -7.92 16.97 -10.33
CA GLU A 79 -6.85 17.16 -11.31
C GLU A 79 -5.64 16.32 -10.88
N PRO A 80 -4.84 15.86 -11.84
CA PRO A 80 -3.70 15.03 -11.42
C PRO A 80 -2.60 15.86 -10.72
N THR A 81 -2.10 15.36 -9.59
CA THR A 81 -1.04 16.05 -8.85
C THR A 81 0.34 15.63 -9.36
N GLY A 82 0.35 14.79 -10.39
CA GLY A 82 1.58 14.24 -10.94
C GLY A 82 1.57 12.74 -10.71
N GLU A 83 2.54 12.06 -11.31
CA GLU A 83 2.77 10.66 -11.05
C GLU A 83 3.18 10.50 -9.59
N LYS A 84 3.05 9.28 -9.07
CA LYS A 84 3.22 9.04 -7.63
C LYS A 84 4.47 9.73 -7.04
N MET A 85 5.62 9.47 -7.64
CA MET A 85 6.90 9.94 -7.08
C MET A 85 7.37 11.26 -7.67
N GLU A 86 6.60 11.83 -8.61
CA GLU A 86 6.97 13.08 -9.29
C GLU A 86 5.88 14.14 -9.15
N PRO A 87 5.68 14.68 -7.93
CA PRO A 87 4.68 15.73 -7.75
C PRO A 87 4.90 16.88 -8.72
N ASN A 88 3.81 17.46 -9.22
CA ASN A 88 3.91 18.65 -10.03
C ASN A 88 3.60 19.87 -9.19
N ILE A 89 4.66 20.52 -8.71
CA ILE A 89 4.51 21.57 -7.71
C ILE A 89 3.70 22.71 -8.30
N GLU A 90 4.01 23.08 -9.55
CA GLU A 90 3.30 24.16 -10.25
C GLU A 90 1.79 23.91 -10.30
N LYS A 91 1.40 22.70 -10.68
CA LYS A 91 -0.01 22.35 -10.75
C LYS A 91 -0.66 22.37 -9.36
N ILE A 92 0.05 21.86 -8.35
CA ILE A 92 -0.48 21.86 -6.99
C ILE A 92 -0.61 23.30 -6.45
N LEU A 93 0.39 24.14 -6.72
CA LEU A 93 0.26 25.59 -6.40
C LEU A 93 -1.03 26.14 -7.00
N GLU A 94 -1.24 25.88 -8.29
CA GLU A 94 -2.45 26.33 -9.01
C GLU A 94 -3.75 25.88 -8.36
N MET A 95 -3.73 24.73 -7.68
CA MET A 95 -4.90 24.24 -6.97
C MET A 95 -5.20 25.04 -5.73
N LYS A 96 -4.16 25.60 -5.10
CA LYS A 96 -4.30 26.33 -3.85
C LYS A 96 -5.10 25.49 -2.82
N PRO A 97 -4.64 24.25 -2.57
CA PRO A 97 -5.40 23.34 -1.71
C PRO A 97 -5.40 23.79 -0.26
N ASP A 98 -6.40 23.35 0.52
CA ASP A 98 -6.41 23.61 1.96
C ASP A 98 -5.36 22.79 2.65
N VAL A 99 -5.15 21.56 2.18
CA VAL A 99 -4.16 20.66 2.76
C VAL A 99 -3.65 19.71 1.71
N ILE A 100 -2.36 19.41 1.78
CA ILE A 100 -1.74 18.44 0.90
C ILE A 100 -1.37 17.18 1.66
N LEU A 101 -1.88 16.05 1.21
CA LEU A 101 -1.49 14.76 1.76
C LEU A 101 -0.35 14.23 0.93
N ALA A 102 0.86 14.42 1.44
CA ALA A 102 2.08 13.89 0.82
C ALA A 102 2.40 12.53 1.43
N SER A 103 3.66 12.08 1.25
CA SER A 103 4.11 10.76 1.68
C SER A 103 5.42 10.89 2.43
N THR A 104 5.58 10.07 3.48
CA THR A 104 6.85 9.94 4.19
C THR A 104 7.94 9.30 3.32
N LYS A 105 7.58 8.70 2.20
CA LYS A 105 8.59 8.17 1.28
C LYS A 105 9.33 9.26 0.47
N PHE A 106 8.76 10.46 0.38
CA PHE A 106 9.43 11.56 -0.33
C PHE A 106 10.71 11.97 0.41
N PRO A 107 11.77 12.31 -0.32
CA PRO A 107 12.93 12.94 0.34
C PRO A 107 12.54 14.31 0.92
N GLU A 108 13.26 14.74 1.94
CA GLU A 108 13.00 16.03 2.59
C GLU A 108 12.91 17.18 1.58
N LYS A 109 13.83 17.20 0.63
CA LYS A 109 13.83 18.24 -0.40
C LYS A 109 12.43 18.39 -1.04
N THR A 110 11.81 17.27 -1.38
CA THR A 110 10.56 17.25 -2.10
C THR A 110 9.37 17.64 -1.22
N LEU A 111 9.32 17.08 -0.01
CA LEU A 111 8.34 17.51 0.98
C LEU A 111 8.37 19.03 1.21
N GLN A 112 9.56 19.61 1.25
CA GLN A 112 9.72 21.05 1.46
C GLN A 112 9.25 21.88 0.26
N LYS A 113 9.52 21.38 -0.94
CA LYS A 113 9.05 22.00 -2.18
C LYS A 113 7.50 21.97 -2.22
N ILE A 114 6.93 20.86 -1.80
CA ILE A 114 5.47 20.72 -1.75
C ILE A 114 4.84 21.68 -0.72
N SER A 115 5.55 21.93 0.38
N SER A 115 5.55 21.92 0.39
CA SER A 115 5.05 22.79 1.46
CA SER A 115 5.07 22.79 1.47
C SER A 115 4.93 24.26 1.08
C SER A 115 4.92 24.26 1.06
N THR A 116 5.52 24.64 -0.06
CA THR A 116 5.36 25.98 -0.59
C THR A 116 3.96 26.17 -1.20
N ALA A 117 3.28 25.07 -1.50
CA ALA A 117 1.93 25.13 -2.07
C ALA A 117 0.82 25.14 -1.02
N GLY A 118 1.12 24.78 0.22
CA GLY A 118 0.10 24.68 1.26
C GLY A 118 0.52 23.76 2.38
N THR A 119 -0.32 23.64 3.40
CA THR A 119 -0.04 22.82 4.57
C THR A 119 0.10 21.37 4.13
N THR A 120 1.23 20.76 4.46
CA THR A 120 1.62 19.47 3.92
C THR A 120 1.81 18.45 5.04
N ILE A 121 1.05 17.37 4.99
CA ILE A 121 1.14 16.30 5.96
C ILE A 121 1.68 15.07 5.23
N PRO A 122 2.90 14.64 5.59
CA PRO A 122 3.44 13.41 5.03
C PRO A 122 2.75 12.20 5.65
N VAL A 123 1.94 11.52 4.86
CA VAL A 123 1.24 10.34 5.33
C VAL A 123 2.17 9.10 5.35
N SER A 124 2.15 8.38 6.47
CA SER A 124 3.05 7.25 6.74
C SER A 124 2.86 6.02 5.85
N HIS A 125 3.96 5.50 5.33
CA HIS A 125 3.94 4.27 4.54
C HIS A 125 4.21 3.08 5.43
N ILE A 126 4.31 3.30 6.73
CA ILE A 126 4.47 2.22 7.66
C ILE A 126 3.08 1.68 7.93
N SER A 127 2.89 0.41 7.58
CA SER A 127 1.56 -0.22 7.58
C SER A 127 0.90 -0.32 8.93
N SER A 128 1.69 -0.34 10.01
CA SER A 128 1.11 -0.34 11.35
C SER A 128 0.39 0.99 11.65
N ASN A 129 0.56 2.03 10.82
CA ASN A 129 -0.15 3.31 10.97
C ASN A 129 -1.46 3.42 10.17
N TRP A 130 -1.97 2.30 9.66
CA TRP A 130 -3.18 2.33 8.84
C TRP A 130 -4.37 2.99 9.51
N LYS A 131 -4.62 2.73 10.80
CA LYS A 131 -5.73 3.38 11.48
C LYS A 131 -5.52 4.90 11.54
N GLU A 132 -4.30 5.32 11.87
CA GLU A 132 -3.98 6.73 12.03
C GLU A 132 -4.13 7.47 10.70
N ASN A 133 -3.76 6.79 9.62
CA ASN A 133 -3.86 7.37 8.30
C ASN A 133 -5.32 7.60 7.91
N MET A 134 -6.16 6.60 8.19
N MET A 134 -6.18 6.62 8.19
CA MET A 134 -7.60 6.70 7.96
CA MET A 134 -7.62 6.74 7.91
C MET A 134 -8.24 7.78 8.82
C MET A 134 -8.28 7.78 8.81
N MET A 135 -7.87 7.80 10.10
N MET A 135 -7.87 7.84 10.07
CA MET A 135 -8.39 8.78 11.06
CA MET A 135 -8.44 8.80 11.02
C MET A 135 -8.06 10.21 10.64
C MET A 135 -8.07 10.22 10.64
N LEU A 136 -6.86 10.42 10.09
CA LEU A 136 -6.43 11.74 9.60
C LEU A 136 -7.35 12.24 8.49
N LEU A 137 -7.55 11.42 7.46
CA LEU A 137 -8.43 11.80 6.36
C LEU A 137 -9.88 12.04 6.84
N ALA A 138 -10.35 11.18 7.75
CA ALA A 138 -11.66 11.33 8.37
C ALA A 138 -11.81 12.67 9.10
N GLN A 139 -10.80 13.03 9.89
CA GLN A 139 -10.83 14.30 10.61
C GLN A 139 -10.86 15.49 9.66
N LEU A 140 -10.16 15.38 8.54
CA LEU A 140 -10.19 16.45 7.54
C LEU A 140 -11.56 16.62 6.89
N THR A 141 -12.33 15.54 6.77
CA THR A 141 -13.60 15.52 6.03
C THR A 141 -14.85 15.36 6.92
N GLY A 142 -14.64 15.34 8.24
CA GLY A 142 -15.71 15.10 9.19
C GLY A 142 -16.37 13.73 9.09
N LYS A 143 -15.61 12.72 8.67
CA LYS A 143 -16.13 11.36 8.45
C LYS A 143 -15.64 10.37 9.50
N GLU A 144 -15.54 10.82 10.75
CA GLU A 144 -14.99 10.02 11.83
C GLU A 144 -15.80 8.73 12.07
N LYS A 145 -17.12 8.86 12.12
CA LYS A 145 -18.03 7.70 12.27
C LYS A 145 -17.83 6.64 11.20
N LYS A 146 -17.74 7.08 9.95
CA LYS A 146 -17.55 6.19 8.82
C LYS A 146 -16.20 5.47 8.95
N ALA A 147 -15.15 6.20 9.34
CA ALA A 147 -13.82 5.58 9.54
C ALA A 147 -13.84 4.55 10.68
N LYS A 148 -14.48 4.89 11.79
CA LYS A 148 -14.62 3.95 12.91
C LYS A 148 -15.24 2.65 12.41
N LYS A 149 -16.29 2.74 11.62
CA LYS A 149 -16.97 1.54 11.14
C LYS A 149 -16.10 0.71 10.21
N ILE A 150 -15.40 1.36 9.26
CA ILE A 150 -14.49 0.64 8.38
C ILE A 150 -13.44 -0.12 9.20
N ILE A 151 -12.85 0.56 10.18
CA ILE A 151 -11.82 -0.04 11.02
C ILE A 151 -12.35 -1.23 11.81
N ALA A 152 -13.53 -1.08 12.42
CA ALA A 152 -14.11 -2.15 13.24
C ALA A 152 -14.53 -3.35 12.38
N ASP A 153 -14.96 -3.11 11.15
CA ASP A 153 -15.32 -4.19 10.23
C ASP A 153 -14.11 -5.00 9.75
N TYR A 154 -12.99 -4.33 9.49
CA TYR A 154 -11.75 -5.08 9.25
C TYR A 154 -11.45 -6.02 10.43
N GLU A 155 -11.50 -5.47 11.64
CA GLU A 155 -11.11 -6.25 12.82
C GLU A 155 -12.04 -7.43 13.05
N GLN A 156 -13.32 -7.28 12.72
CA GLN A 156 -14.27 -8.39 12.82
C GLN A 156 -13.96 -9.40 11.72
N ASP A 157 -13.73 -8.89 10.53
CA ASP A 157 -13.32 -9.69 9.38
C ASP A 157 -12.06 -10.51 9.70
N LEU A 158 -11.03 -9.85 10.23
CA LEU A 158 -9.81 -10.54 10.66
C LEU A 158 -10.13 -11.65 11.65
N LYS A 159 -10.98 -11.33 12.61
CA LYS A 159 -11.33 -12.25 13.67
C LYS A 159 -11.96 -13.54 13.13
N GLU A 160 -12.85 -13.40 12.14
CA GLU A 160 -13.56 -14.54 11.59
C GLU A 160 -12.68 -15.31 10.59
N THR A 161 -11.87 -14.57 9.83
CA THR A 161 -10.95 -15.17 8.87
C THR A 161 -9.88 -16.01 9.55
N LYS A 162 -9.37 -15.50 10.67
CA LYS A 162 -8.28 -16.15 11.41
C LYS A 162 -8.62 -17.58 11.80
N THR A 163 -9.80 -17.77 12.41
CA THR A 163 -10.23 -19.11 12.86
C THR A 163 -10.39 -20.07 11.69
N LYS A 164 -10.58 -19.52 10.48
CA LYS A 164 -10.67 -20.32 9.27
C LYS A 164 -9.30 -20.75 8.73
N ILE A 165 -8.27 -19.93 8.96
CA ILE A 165 -6.92 -20.20 8.45
C ILE A 165 -6.34 -21.52 8.99
N ASN A 166 -5.83 -22.36 8.09
CA ASN A 166 -5.37 -23.72 8.44
C ASN A 166 -4.00 -23.75 9.11
N ASP A 167 -3.83 -24.63 10.11
CA ASP A 167 -2.62 -24.64 10.95
C ASP A 167 -1.33 -25.11 10.26
N LYS A 168 -1.46 -25.70 9.07
CA LYS A 168 -0.28 -26.06 8.27
C LYS A 168 0.32 -24.81 7.63
N ALA A 169 -0.53 -24.06 6.94
CA ALA A 169 -0.12 -22.81 6.30
C ALA A 169 0.45 -21.80 7.30
N LYS A 170 -0.06 -21.83 8.54
CA LYS A 170 0.41 -20.94 9.59
C LYS A 170 1.87 -21.17 9.96
N ASP A 171 2.33 -22.42 9.87
CA ASP A 171 3.73 -22.78 10.16
C ASP A 171 4.66 -22.57 8.97
N SER A 172 4.13 -22.13 7.84
CA SER A 172 4.85 -22.13 6.58
C SER A 172 5.64 -20.85 6.34
N LYS A 173 6.57 -20.92 5.39
CA LYS A 173 7.39 -19.77 5.04
C LYS A 173 6.81 -19.08 3.82
N ALA A 174 6.20 -17.92 4.05
CA ALA A 174 5.54 -17.19 2.97
C ALA A 174 6.24 -15.85 2.77
N LEU A 175 6.30 -15.41 1.50
CA LEU A 175 6.96 -14.17 1.11
C LEU A 175 6.14 -13.31 0.12
N VAL A 176 6.18 -11.99 0.32
CA VAL A 176 5.55 -11.06 -0.60
C VAL A 176 6.65 -10.31 -1.33
N ILE A 177 6.62 -10.34 -2.65
CA ILE A 177 7.60 -9.62 -3.45
C ILE A 177 6.91 -8.71 -4.43
N ARG A 178 7.56 -7.61 -4.76
CA ARG A 178 7.03 -6.69 -5.74
C ARG A 178 8.14 -6.41 -6.74
N ILE A 179 7.80 -6.47 -8.02
CA ILE A 179 8.76 -6.35 -9.09
C ILE A 179 8.62 -4.95 -9.68
N ARG A 180 9.69 -4.17 -9.57
CA ARG A 180 9.73 -2.81 -10.09
C ARG A 180 11.01 -2.58 -10.86
N GLN A 181 10.90 -1.91 -12.00
CA GLN A 181 11.99 -1.74 -12.95
C GLN A 181 12.80 -3.03 -13.18
N GLY A 182 12.11 -4.15 -13.33
CA GLY A 182 12.77 -5.43 -13.55
C GLY A 182 13.35 -6.09 -12.30
N ASN A 183 13.33 -5.40 -11.16
CA ASN A 183 13.99 -5.90 -9.96
C ASN A 183 13.02 -6.47 -8.95
N ILE A 184 13.50 -7.40 -8.13
CA ILE A 184 12.69 -7.99 -7.08
C ILE A 184 12.96 -7.29 -5.76
N TYR A 185 11.89 -6.84 -5.08
CA TYR A 185 11.99 -6.18 -3.79
C TYR A 185 11.23 -6.88 -2.68
N ILE A 186 11.80 -6.82 -1.50
CA ILE A 186 11.12 -7.23 -0.28
C ILE A 186 11.02 -6.05 0.65
N TYR A 187 10.31 -6.21 1.76
CA TYR A 187 9.97 -5.10 2.63
C TYR A 187 10.08 -5.52 4.08
N PRO A 188 10.27 -4.54 4.99
CA PRO A 188 10.24 -4.83 6.42
C PRO A 188 8.95 -5.49 6.93
N GLU A 189 9.01 -5.99 8.15
CA GLU A 189 7.90 -6.73 8.73
C GLU A 189 6.60 -5.90 8.84
N GLN A 190 6.74 -4.60 9.10
CA GLN A 190 5.59 -3.71 9.32
C GLN A 190 5.27 -2.84 8.12
N VAL A 191 5.75 -3.24 6.94
CA VAL A 191 5.59 -2.46 5.72
C VAL A 191 4.89 -3.28 4.64
N TYR A 192 4.20 -2.60 3.73
CA TYR A 192 3.50 -3.24 2.62
C TYR A 192 2.47 -4.23 3.17
N PHE A 193 2.25 -5.35 2.48
CA PHE A 193 1.29 -6.36 2.93
C PHE A 193 1.77 -7.18 4.12
N ASN A 194 3.03 -6.99 4.54
CA ASN A 194 3.66 -7.85 5.55
C ASN A 194 3.06 -7.74 6.93
N SER A 195 2.51 -6.57 7.26
CA SER A 195 1.83 -6.41 8.53
C SER A 195 0.58 -7.28 8.61
N THR A 196 -0.02 -7.58 7.46
CA THR A 196 -1.19 -8.45 7.43
C THR A 196 -0.82 -9.93 7.40
N LEU A 197 0.17 -10.27 6.58
CA LEU A 197 0.67 -11.65 6.46
C LEU A 197 1.34 -12.16 7.74
N TYR A 198 2.34 -11.42 8.26
CA TYR A 198 3.06 -11.88 9.46
C TYR A 198 2.46 -11.39 10.77
N GLY A 199 1.77 -10.25 10.75
CA GLY A 199 1.20 -9.68 11.96
C GLY A 199 -0.18 -10.19 12.25
N ASP A 200 -1.13 -9.76 11.43
CA ASP A 200 -2.53 -10.17 11.57
C ASP A 200 -2.73 -11.68 11.43
N LEU A 201 -2.16 -12.27 10.39
CA LEU A 201 -2.34 -13.71 10.13
C LEU A 201 -1.39 -14.63 10.89
N GLY A 202 -0.31 -14.06 11.41
CA GLY A 202 0.55 -14.75 12.34
C GLY A 202 1.64 -15.66 11.76
N LEU A 203 1.92 -15.55 10.46
CA LEU A 203 3.00 -16.31 9.85
C LEU A 203 4.35 -15.72 10.21
N LYS A 204 5.37 -16.58 10.20
CA LYS A 204 6.69 -16.21 10.70
C LYS A 204 7.43 -15.50 9.60
N ALA A 205 7.81 -14.25 9.84
CA ALA A 205 8.58 -13.50 8.84
C ALA A 205 9.93 -14.20 8.67
N PRO A 206 10.39 -14.33 7.42
CA PRO A 206 11.74 -14.85 7.17
C PRO A 206 12.81 -13.85 7.61
N ASN A 207 14.02 -14.35 7.86
CA ASN A 207 15.09 -13.51 8.36
C ASN A 207 15.40 -12.31 7.50
N GLU A 208 15.27 -12.50 6.18
CA GLU A 208 15.53 -11.43 5.23
C GLU A 208 14.51 -10.28 5.39
N VAL A 209 13.27 -10.61 5.72
CA VAL A 209 12.26 -9.58 5.99
C VAL A 209 12.56 -8.89 7.32
N LYS A 210 12.88 -9.67 8.34
CA LYS A 210 13.20 -9.15 9.67
C LYS A 210 14.38 -8.18 9.65
N ALA A 211 15.36 -8.44 8.79
CA ALA A 211 16.57 -7.63 8.71
C ALA A 211 16.40 -6.43 7.81
N ALA A 212 15.34 -6.41 7.00
CA ALA A 212 15.11 -5.31 6.07
C ALA A 212 14.75 -4.04 6.81
N LYS A 213 15.30 -2.92 6.36
CA LYS A 213 15.07 -1.62 7.01
C LYS A 213 14.18 -0.73 6.15
N ALA A 214 14.09 -1.06 4.88
CA ALA A 214 13.16 -0.40 3.96
C ALA A 214 12.95 -1.35 2.78
N GLN A 215 12.21 -0.89 1.78
CA GLN A 215 12.16 -1.59 0.50
C GLN A 215 13.59 -1.91 0.10
N GLU A 216 13.89 -3.20 -0.07
CA GLU A 216 15.21 -3.57 -0.53
C GLU A 216 15.24 -4.66 -1.57
N LEU A 217 16.19 -4.48 -2.48
CA LEU A 217 16.41 -5.34 -3.61
C LEU A 217 16.88 -6.70 -3.13
N ILE A 218 16.23 -7.77 -3.60
CA ILE A 218 16.74 -9.11 -3.40
C ILE A 218 16.91 -9.79 -4.75
N SER A 219 18.03 -10.47 -4.92
CA SER A 219 18.30 -11.23 -6.13
C SER A 219 17.45 -12.50 -6.19
N LEU A 220 17.15 -12.95 -7.40
CA LEU A 220 16.52 -14.26 -7.62
C LEU A 220 17.38 -15.39 -7.02
N GLU A 221 18.70 -15.21 -7.15
CA GLU A 221 19.66 -16.15 -6.61
C GLU A 221 19.50 -16.31 -5.09
N LYS A 222 19.38 -15.18 -4.38
CA LYS A 222 19.15 -15.19 -2.93
C LYS A 222 17.79 -15.78 -2.58
N LEU A 223 16.76 -15.40 -3.34
CA LEU A 223 15.44 -15.98 -3.19
C LEU A 223 15.46 -17.51 -3.30
N SER A 224 16.25 -18.05 -4.24
CA SER A 224 16.35 -19.51 -4.38
C SER A 224 16.89 -20.20 -3.12
N GLU A 225 17.70 -19.48 -2.34
CA GLU A 225 18.18 -19.97 -1.05
C GLU A 225 17.13 -19.92 0.04
N MET A 226 16.36 -18.82 0.10
N MET A 226 16.36 -18.84 0.12
CA MET A 226 15.26 -18.68 1.06
CA MET A 226 15.27 -18.74 1.11
C MET A 226 14.23 -19.80 0.90
C MET A 226 14.24 -19.83 0.91
N ASN A 227 13.92 -20.10 -0.36
CA ASN A 227 13.07 -21.21 -0.74
C ASN A 227 11.71 -21.27 -0.03
N PRO A 228 10.96 -20.15 -0.07
CA PRO A 228 9.68 -20.08 0.63
C PRO A 228 8.65 -21.08 0.10
N ASP A 229 7.76 -21.49 0.99
CA ASP A 229 6.62 -22.35 0.65
C ASP A 229 5.57 -21.65 -0.18
N HIS A 230 5.41 -20.34 0.03
CA HIS A 230 4.41 -19.55 -0.71
C HIS A 230 5.02 -18.21 -1.06
N ILE A 231 4.64 -17.70 -2.23
CA ILE A 231 5.09 -16.38 -2.69
C ILE A 231 3.93 -15.61 -3.34
N PHE A 232 3.64 -14.44 -2.81
CA PHE A 232 2.73 -13.49 -3.42
C PHE A 232 3.58 -12.54 -4.23
N VAL A 233 3.37 -12.51 -5.54
CA VAL A 233 4.13 -11.64 -6.47
C VAL A 233 3.23 -10.52 -6.98
N GLN A 234 3.64 -9.27 -6.76
CA GLN A 234 2.89 -8.13 -7.21
C GLN A 234 3.67 -7.51 -8.37
N PHE A 235 2.99 -7.34 -9.49
CA PHE A 235 3.62 -6.86 -10.73
C PHE A 235 2.70 -5.92 -11.48
N SER A 236 3.10 -4.65 -11.54
CA SER A 236 2.37 -3.64 -12.31
C SER A 236 3.16 -3.27 -13.57
N ASP A 237 2.52 -3.36 -14.73
CA ASP A 237 3.17 -3.00 -15.99
C ASP A 237 3.62 -1.53 -15.94
N ASP A 238 2.84 -0.69 -15.27
CA ASP A 238 3.17 0.75 -15.17
C ASP A 238 4.55 0.98 -14.51
N GLU A 239 4.92 0.11 -13.56
CA GLU A 239 6.16 0.21 -12.79
C GLU A 239 7.32 -0.56 -13.41
N ASN A 240 7.16 -1.04 -14.63
CA ASN A 240 8.17 -1.86 -15.27
C ASN A 240 8.26 -1.52 -16.76
N ALA A 241 8.14 -0.23 -17.07
CA ALA A 241 8.23 0.24 -18.45
C ALA A 241 9.55 -0.14 -19.13
N ASP A 242 10.65 -0.09 -18.39
CA ASP A 242 11.95 -0.49 -18.93
C ASP A 242 12.00 -1.99 -19.24
N LYS A 243 11.56 -2.80 -18.27
CA LYS A 243 11.59 -4.25 -18.41
C LYS A 243 10.19 -4.86 -18.26
N PRO A 244 9.34 -4.68 -19.28
CA PRO A 244 7.96 -5.17 -19.17
C PRO A 244 7.82 -6.70 -19.18
N ASP A 245 8.88 -7.40 -19.57
CA ASP A 245 8.96 -8.86 -19.50
C ASP A 245 9.47 -9.36 -18.14
N ALA A 246 9.66 -8.45 -17.18
CA ALA A 246 10.30 -8.80 -15.91
C ALA A 246 9.75 -10.09 -15.32
N LEU A 247 8.42 -10.23 -15.30
CA LEU A 247 7.80 -11.40 -14.68
C LEU A 247 7.89 -12.65 -15.55
N LYS A 248 7.57 -12.52 -16.84
CA LYS A 248 7.64 -13.67 -17.74
C LYS A 248 9.08 -14.17 -17.90
N ASP A 249 10.03 -13.25 -17.77
CA ASP A 249 11.44 -13.57 -17.78
C ASP A 249 11.84 -14.42 -16.56
N LEU A 250 11.43 -13.93 -15.39
CA LEU A 250 11.61 -14.65 -14.14
C LEU A 250 11.02 -16.07 -14.24
N GLU A 251 9.80 -16.15 -14.76
CA GLU A 251 9.04 -17.42 -14.83
C GLU A 251 9.68 -18.49 -15.72
N LYS A 252 10.49 -18.07 -16.69
CA LYS A 252 11.23 -18.99 -17.55
C LYS A 252 12.67 -19.27 -17.05
N ASN A 253 13.06 -18.65 -15.93
CA ASN A 253 14.41 -18.79 -15.39
C ASN A 253 14.56 -20.09 -14.58
N PRO A 254 15.52 -20.95 -14.95
CA PRO A 254 15.76 -22.19 -14.21
C PRO A 254 15.91 -22.04 -12.68
N ILE A 255 16.42 -20.90 -12.21
CA ILE A 255 16.59 -20.63 -10.78
C ILE A 255 15.23 -20.37 -10.10
N TRP A 256 14.37 -19.63 -10.78
CA TRP A 256 12.98 -19.48 -10.34
C TRP A 256 12.24 -20.81 -10.33
N LYS A 257 12.42 -21.59 -11.40
CA LYS A 257 11.78 -22.91 -11.52
C LYS A 257 12.25 -23.93 -10.46
N SER A 258 13.36 -23.62 -9.79
CA SER A 258 13.88 -24.46 -8.70
C SER A 258 13.21 -24.18 -7.36
N LEU A 259 12.43 -23.10 -7.29
CA LEU A 259 11.74 -22.72 -6.05
C LEU A 259 10.63 -23.69 -5.68
N LYS A 260 10.61 -24.05 -4.41
CA LYS A 260 9.60 -24.94 -3.84
C LYS A 260 8.22 -24.38 -4.13
N ALA A 261 8.06 -23.07 -3.94
CA ALA A 261 6.79 -22.40 -4.16
C ALA A 261 6.34 -22.55 -5.60
N VAL A 262 7.28 -22.42 -6.53
CA VAL A 262 6.95 -22.51 -7.95
C VAL A 262 6.53 -23.94 -8.30
N LYS A 263 7.29 -24.91 -7.84
CA LYS A 263 6.99 -26.32 -8.14
C LYS A 263 5.69 -26.80 -7.52
N GLU A 264 5.29 -26.23 -6.38
CA GLU A 264 4.06 -26.63 -5.73
C GLU A 264 2.86 -25.78 -6.16
N ASP A 265 3.04 -24.94 -7.18
CA ASP A 265 1.95 -24.09 -7.70
C ASP A 265 1.45 -23.14 -6.59
N HIS A 266 2.40 -22.64 -5.78
CA HIS A 266 2.09 -21.76 -4.66
C HIS A 266 2.60 -20.34 -4.92
N VAL A 267 2.56 -19.93 -6.17
CA VAL A 267 2.88 -18.56 -6.57
C VAL A 267 1.57 -17.86 -6.95
N TYR A 268 1.28 -16.74 -6.31
CA TYR A 268 0.02 -16.05 -6.50
C TYR A 268 0.33 -14.66 -7.05
N VAL A 269 0.10 -14.49 -8.34
CA VAL A 269 0.43 -13.25 -9.01
C VAL A 269 -0.75 -12.29 -8.91
N ASN A 270 -0.50 -11.09 -8.40
CA ASN A 270 -1.55 -10.07 -8.30
C ASN A 270 -2.87 -10.57 -7.71
N SER A 271 -2.82 -11.25 -6.56
CA SER A 271 -4.05 -11.61 -5.86
C SER A 271 -4.79 -10.36 -5.35
N VAL A 272 -4.04 -9.26 -5.26
CA VAL A 272 -4.57 -7.94 -5.07
C VAL A 272 -4.01 -7.08 -6.21
N ASP A 273 -4.75 -6.05 -6.63
CA ASP A 273 -4.26 -5.12 -7.63
C ASP A 273 -2.81 -4.70 -7.34
N PRO A 274 -1.97 -4.68 -8.38
CA PRO A 274 -0.55 -4.48 -8.15
C PRO A 274 -0.23 -3.07 -7.69
N LEU A 275 -1.21 -2.15 -7.78
CA LEU A 275 -1.01 -0.78 -7.32
C LEU A 275 -1.47 -0.60 -5.86
N ALA A 276 -1.95 -1.66 -5.25
CA ALA A 276 -2.29 -1.61 -3.81
C ALA A 276 -1.04 -1.46 -2.95
N GLN A 277 -1.12 -0.62 -1.92
CA GLN A 277 0.07 -0.26 -1.11
C GLN A 277 0.29 -1.06 0.18
N GLY A 278 -0.72 -1.80 0.60
CA GLY A 278 -0.59 -2.71 1.72
C GLY A 278 -1.00 -2.15 3.06
N GLY A 279 -0.55 -0.94 3.37
CA GLY A 279 -0.80 -0.35 4.71
C GLY A 279 -2.01 0.55 4.81
N THR A 280 -3.17 0.03 4.37
CA THR A 280 -4.42 0.77 4.36
C THR A 280 -5.55 -0.20 4.66
N ALA A 281 -6.65 0.28 5.23
CA ALA A 281 -7.84 -0.55 5.44
C ALA A 281 -8.18 -1.38 4.20
N TRP A 282 -8.24 -0.72 3.05
CA TRP A 282 -8.64 -1.37 1.80
C TRP A 282 -7.67 -2.44 1.34
N SER A 283 -6.37 -2.17 1.41
CA SER A 283 -5.33 -3.16 1.08
C SER A 283 -5.37 -4.34 2.03
N LYS A 284 -5.58 -4.04 3.31
CA LYS A 284 -5.64 -5.10 4.34
C LYS A 284 -6.82 -6.07 4.16
N VAL A 285 -8.01 -5.52 3.95
N VAL A 285 -8.02 -5.52 3.95
CA VAL A 285 -9.18 -6.36 3.71
CA VAL A 285 -9.19 -6.37 3.69
C VAL A 285 -8.99 -7.22 2.46
C VAL A 285 -8.98 -7.24 2.46
N ARG A 286 -8.45 -6.64 1.39
CA ARG A 286 -8.19 -7.39 0.18
C ARG A 286 -7.17 -8.49 0.38
N PHE A 287 -6.05 -8.17 1.03
CA PHE A 287 -4.99 -9.14 1.14
C PHE A 287 -5.39 -10.23 2.12
N LEU A 288 -6.07 -9.86 3.19
CA LEU A 288 -6.63 -10.84 4.11
C LEU A 288 -7.47 -11.88 3.36
N LYS A 289 -8.34 -11.43 2.46
CA LYS A 289 -9.22 -12.35 1.74
C LYS A 289 -8.43 -13.24 0.77
N ALA A 290 -7.57 -12.61 -0.02
CA ALA A 290 -6.72 -13.34 -0.96
C ALA A 290 -5.81 -14.34 -0.26
N ALA A 291 -5.17 -13.92 0.82
CA ALA A 291 -4.25 -14.78 1.56
C ALA A 291 -4.99 -15.94 2.18
N ALA A 292 -6.17 -15.68 2.73
CA ALA A 292 -6.99 -16.72 3.34
C ALA A 292 -7.40 -17.76 2.31
N GLU A 293 -7.87 -17.29 1.15
CA GLU A 293 -8.10 -18.14 -0.04
C GLU A 293 -6.95 -19.14 -0.26
N LYS A 294 -5.75 -18.62 -0.43
CA LYS A 294 -4.60 -19.46 -0.79
C LYS A 294 -4.16 -20.38 0.32
N LEU A 295 -4.50 -20.05 1.57
CA LEU A 295 -4.01 -20.81 2.73
C LEU A 295 -5.13 -21.47 3.54
N THR A 296 -6.20 -21.89 2.87
CA THR A 296 -7.31 -22.59 3.53
C THR A 296 -7.48 -23.98 2.87
N GLN A 297 -8.42 -24.80 3.33
CA GLN A 297 -8.59 -26.18 2.79
C GLN A 297 -9.88 -26.87 3.27
N ASN A 298 -10.12 -28.11 2.81
CA ASN A 298 -11.29 -28.90 3.23
C ASN A 298 -11.27 -30.38 2.80
N LYS A 299 -11.54 -31.30 3.74
CA LYS A 299 -11.42 -32.75 3.48
C LYS A 299 -12.78 -33.38 3.17
O6 EB4 B . 6.52 5.02 -3.45
O4 EB4 B . 6.97 2.30 -2.65
O5 EB4 B . 7.42 3.05 -5.38
N1 EB4 B . 11.29 3.20 -0.31
C5 EB4 B . 8.38 2.77 -6.30
C4 EB4 B . 7.45 1.89 -1.44
C1 EB4 B . 8.71 2.34 -1.08
C2 EB4 B . 9.70 2.87 -5.85
C6 EB4 B . 6.91 6.33 -3.41
C8 EB4 B . 8.10 2.43 -7.61
N2 EB4 B . 12.40 3.17 -5.04
C9 EB4 B . 6.00 7.37 -3.38
C10 EB4 B . 7.31 0.69 0.60
O3 EB4 B . 9.15 5.58 -3.42
N3 EB4 B . 11.04 7.26 -2.93
C16 EB4 B . 9.31 1.99 0.13
C7 EB4 B . 6.74 1.05 -0.60
C3 EB4 B . 8.28 6.61 -3.37
C11 EB4 B . 9.17 2.17 -8.48
O1 EB4 B . 9.35 3.17 -1.95
O2 EB4 B . 9.92 3.20 -4.55
C12 EB4 B . 6.47 8.67 -3.31
C15 EB4 B . 7.84 8.94 -3.28
C14 EB4 B . 10.49 2.25 -8.02
C13 EB4 B . 8.57 1.14 0.97
O7 EB4 B . 11.12 1.93 1.55
C19 EB4 B . 10.60 2.40 0.53
C22 EB4 B . 12.67 3.61 -0.01
C25 EB4 B . 12.76 5.00 -0.04
O10 EB4 B . 12.84 5.64 1.01
O15 EB4 B . 12.66 5.56 -1.26
C30 EB4 B . 12.72 6.99 -1.24
C24 EB4 B . 12.48 7.48 -2.67
C21 EB4 B . 10.16 8.24 -3.26
C18 EB4 B . 8.79 7.91 -3.33
O9 EB4 B . 10.50 9.43 -3.40
C27 EB4 B . 13.40 6.81 -3.50
O12 EB4 B . 14.60 7.05 -3.38
C28 EB4 B . 13.65 2.94 -1.01
O13 EB4 B . 13.15 3.06 -2.38
C26 EB4 B . 14.12 3.42 -3.28
O11 EB4 B . 15.29 3.64 -2.95
C23 EB4 B . 13.77 3.54 -4.64
C29 EB4 B . 13.92 5.03 -5.07
O14 EB4 B . 12.91 5.89 -4.40
C20 EB4 B . 12.13 2.71 -6.29
O8 EB4 B . 13.00 2.56 -7.15
C17 EB4 B . 10.79 2.58 -6.68
FE FE C . 8.21 3.71 -3.49
O1 PG4 D . -2.02 13.78 -16.86
C1 PG4 D . -1.73 14.30 -18.18
C2 PG4 D . -2.77 13.81 -19.18
O2 PG4 D . -3.48 12.69 -18.63
C3 PG4 D . -4.34 12.09 -19.59
C4 PG4 D . -5.70 11.68 -19.07
O3 PG4 D . -6.53 12.81 -18.77
C5 PG4 D . -6.14 13.54 -17.61
C6 PG4 D . -7.29 13.59 -16.61
O4 PG4 D . -6.98 12.82 -15.43
C7 PG4 D . -6.86 11.40 -15.61
C8 PG4 D . -8.19 10.72 -15.92
O5 PG4 D . -7.97 9.31 -15.95
C1 PEG E . -2.89 -16.80 -9.94
O1 PEG E . -1.48 -16.55 -10.00
C2 PEG E . -3.22 -17.43 -8.59
O2 PEG E . -2.72 -18.76 -8.57
C3 PEG E . -3.71 -19.78 -8.40
C4 PEG E . -3.19 -20.83 -7.42
O4 PEG E . -4.05 -20.90 -6.28
C1 PEG F . 10.83 21.07 6.96
O1 PEG F . 11.50 19.88 6.55
C2 PEG F . 11.68 22.28 6.62
O2 PEG F . 11.18 23.47 7.24
C3 PEG F . 11.66 23.76 8.57
C4 PEG F . 10.62 23.49 9.64
O4 PEG F . 11.05 24.15 10.84
P PO4 G . 15.23 -17.75 6.39
O1 PO4 G . 14.36 -17.11 7.46
O2 PO4 G . 15.03 -17.12 5.04
O3 PO4 G . 16.69 -17.65 6.78
O4 PO4 G . 14.85 -19.21 6.31
#